data_1RMF
#
_entry.id   1RMF
#
_cell.length_a   40.360
_cell.length_b   137.760
_cell.length_c   91.320
_cell.angle_alpha   90.00
_cell.angle_beta   90.00
_cell.angle_gamma   90.00
#
_symmetry.space_group_name_H-M   'P 21 21 21'
#
loop_
_entity.id
_entity.type
_entity.pdbx_description
1 polymer 'IGG2A-KAPPA R6.5 FAB (LIGHT CHAIN)'
2 polymer 'IGG2A-KAPPA R6.5 FAB (HEAVY CHAIN)'
3 water water
#
loop_
_entity_poly.entity_id
_entity_poly.type
_entity_poly.pdbx_seq_one_letter_code
_entity_poly.pdbx_strand_id
1 'polypeptide(L)'
;DVVMTQSPLSLPVSLGDQASISCRSSQSLVHSNGNNYLHWYLQKSGQAPKLLIYKVSNRFSGVPDRFSGSGSGTDFTLKI
SRVEAEDLGVYFCSQSTHVPLTFGGGTKLEIKRADAAPTVSIFPPSSEQLTSGGASVVCFLNNFYPKDINVKWKIDGSER
QNGVLNSWTDQDSKDSTYSMSSTLTLTKDEYERHNSYTCEATHKTSTSPIVKSFNRNEC
;
L
2 'polypeptide(L)'
;QVQLQQSGPELVRPGVSVKISCKGSGYTFIDYAIHWVKESHAKSLEWIGVISAYSGDTNYNQKFKGKATMTVDKSSNTAY
LELARLTSEDSAIYYCARGGWLLLSFDYWGQGTTLTVSSAKTTAPSVTPLAPVCGDTTGSSVTLGVLVKGYFPEPVTLTW
NSGSLSSGVHTFPAVLQSDLYTLSSSVTVTSSTWPSQSITCNVAHPASSTKVDKKI
;
H
#
# COMPACT_ATOMS: atom_id res chain seq x y z
N ASP A 1 27.30 -6.96 -0.21
CA ASP A 1 26.08 -6.20 -0.02
C ASP A 1 25.51 -6.62 1.33
N VAL A 2 25.75 -5.76 2.33
CA VAL A 2 25.32 -6.09 3.67
C VAL A 2 23.78 -6.24 3.73
N VAL A 3 23.25 -7.47 3.82
CA VAL A 3 21.83 -7.64 3.97
C VAL A 3 21.57 -7.43 5.43
N MET A 4 20.57 -6.58 5.61
CA MET A 4 20.09 -6.19 6.91
C MET A 4 18.84 -7.01 7.19
N THR A 5 18.78 -7.97 8.12
CA THR A 5 17.51 -8.66 8.39
C THR A 5 16.96 -8.11 9.70
N GLN A 6 15.69 -7.75 9.64
CA GLN A 6 15.00 -7.10 10.76
C GLN A 6 13.75 -7.86 11.21
N SER A 7 13.58 -8.24 12.48
CA SER A 7 12.39 -8.93 12.83
C SER A 7 11.77 -8.37 14.11
N PRO A 8 10.43 -8.41 14.25
CA PRO A 8 9.53 -9.21 13.41
C PRO A 8 9.09 -8.46 12.14
N LEU A 9 8.31 -8.93 11.15
CA LEU A 9 7.83 -7.95 10.15
C LEU A 9 6.67 -7.22 10.85
N SER A 10 5.71 -7.93 11.49
CA SER A 10 4.54 -7.34 12.17
C SER A 10 4.65 -7.37 13.72
N LEU A 11 4.31 -6.30 14.43
CA LEU A 11 4.38 -6.33 15.90
C LEU A 11 3.09 -5.69 16.43
N PRO A 12 2.11 -6.48 16.85
CA PRO A 12 0.91 -6.00 17.48
C PRO A 12 1.19 -5.57 18.89
N VAL A 13 1.06 -4.28 19.13
CA VAL A 13 1.37 -3.80 20.43
C VAL A 13 0.16 -3.06 20.95
N SER A 14 -0.18 -3.18 22.23
CA SER A 14 -1.24 -2.34 22.79
C SER A 14 -0.60 -0.94 22.94
N LEU A 15 -1.35 0.15 22.81
CA LEU A 15 -0.78 1.46 23.04
C LEU A 15 -0.44 1.49 24.52
N GLY A 16 0.34 2.43 25.02
CA GLY A 16 0.77 2.42 26.41
C GLY A 16 1.91 1.42 26.64
N ASP A 17 1.98 0.33 25.89
CA ASP A 17 2.99 -0.69 26.11
C ASP A 17 4.33 -0.35 25.53
N GLN A 18 5.34 -1.10 25.97
CA GLN A 18 6.69 -0.95 25.48
C GLN A 18 7.00 -1.97 24.39
N ALA A 19 7.76 -1.56 23.33
CA ALA A 19 8.11 -2.43 22.22
C ALA A 19 9.64 -2.40 21.86
N SER A 20 10.15 -3.35 21.06
CA SER A 20 11.55 -3.41 20.66
C SER A 20 11.71 -4.15 19.30
N ILE A 21 12.58 -3.66 18.41
CA ILE A 21 12.73 -4.25 17.08
C ILE A 21 14.16 -4.68 16.83
N SER A 22 14.41 -5.90 16.38
CA SER A 22 15.79 -6.28 16.14
C SER A 22 16.19 -5.91 14.73
N CYS A 23 17.42 -5.47 14.52
CA CYS A 23 17.95 -5.26 13.18
C CYS A 23 19.33 -5.90 13.20
N ARG A 24 19.66 -6.71 12.19
CA ARG A 24 20.91 -7.47 12.13
C ARG A 24 21.62 -7.47 10.77
N SER A 25 22.97 -7.37 10.75
CA SER A 25 23.72 -7.33 9.51
C SER A 25 24.78 -8.43 9.28
N SER A 26 24.93 -8.84 8.03
CA SER A 26 25.89 -9.87 7.66
C SER A 26 27.38 -9.54 7.82
N GLN A 27 27.75 -8.23 8.00
CA GLN A 27 29.15 -7.79 8.19
C GLN A 27 29.11 -6.67 9.24
N SER A 28 30.04 -6.72 10.20
CA SER A 28 30.18 -5.71 11.25
C SER A 28 30.11 -4.28 10.69
N LEU A 29 29.37 -3.36 11.30
CA LEU A 29 29.24 -2.04 10.74
C LEU A 29 30.12 -0.97 11.37
N VAL A 30 31.18 -1.50 12.00
CA VAL A 30 32.17 -0.70 12.71
C VAL A 30 33.24 -0.32 11.70
N HIS A 31 33.24 0.96 11.43
CA HIS A 31 34.13 1.57 10.44
C HIS A 31 35.47 1.81 11.07
N SER A 32 36.48 1.94 10.23
CA SER A 32 37.86 2.21 10.66
C SER A 32 38.01 3.41 11.60
N ASN A 33 37.09 4.39 11.67
CA ASN A 33 37.22 5.48 12.63
C ASN A 33 36.44 5.14 13.90
N GLY A 34 35.74 4.03 13.86
CA GLY A 34 35.10 3.49 15.04
C GLY A 34 33.59 3.66 15.17
N ASN A 35 32.80 4.06 14.19
CA ASN A 35 31.41 4.24 14.54
C ASN A 35 30.52 3.26 13.86
N ASN A 36 29.43 2.89 14.48
CA ASN A 36 28.49 2.00 13.83
C ASN A 36 27.61 2.99 13.09
N TYR A 37 27.54 2.89 11.78
CA TYR A 37 26.69 3.79 11.05
C TYR A 37 25.43 3.04 10.71
N LEU A 38 24.62 2.84 11.76
CA LEU A 38 23.30 2.25 11.62
C LEU A 38 22.27 3.38 11.84
N HIS A 39 20.99 3.32 11.38
CA HIS A 39 20.06 4.44 11.50
C HIS A 39 18.67 3.87 11.54
N TRP A 40 17.62 4.52 12.07
CA TRP A 40 16.24 4.01 12.02
C TRP A 40 15.36 5.11 11.47
N TYR A 41 14.54 4.79 10.44
CA TYR A 41 13.60 5.72 9.83
C TYR A 41 12.15 5.24 10.05
N LEU A 42 11.19 6.14 10.06
CA LEU A 42 9.79 5.77 10.28
C LEU A 42 8.99 6.22 9.04
N GLN A 43 8.29 5.35 8.33
CA GLN A 43 7.47 5.78 7.23
C GLN A 43 6.01 5.51 7.57
N LYS A 44 5.33 6.59 7.76
CA LYS A 44 3.92 6.55 8.06
C LYS A 44 3.18 6.41 6.72
N SER A 45 2.01 5.79 6.73
CA SER A 45 1.20 5.62 5.53
C SER A 45 1.09 6.91 4.75
N GLY A 46 1.58 6.90 3.54
CA GLY A 46 1.39 8.04 2.69
C GLY A 46 2.33 9.15 2.98
N GLN A 47 3.35 9.01 3.82
CA GLN A 47 4.33 10.09 3.97
C GLN A 47 5.67 9.51 3.53
N ALA A 48 6.67 10.39 3.50
CA ALA A 48 8.06 10.03 3.15
C ALA A 48 8.84 9.64 4.42
N PRO A 49 9.75 8.65 4.40
CA PRO A 49 10.48 8.22 5.57
C PRO A 49 11.14 9.43 6.18
N LYS A 50 11.19 9.42 7.52
CA LYS A 50 11.80 10.45 8.32
C LYS A 50 12.82 9.80 9.26
N LEU A 51 14.03 10.35 9.41
CA LEU A 51 15.02 9.78 10.34
C LEU A 51 14.49 9.80 11.77
N LEU A 52 14.93 8.89 12.61
CA LEU A 52 14.40 8.86 13.95
C LEU A 52 15.55 8.70 14.90
N ILE A 53 16.66 8.07 14.50
CA ILE A 53 17.84 7.80 15.32
C ILE A 53 19.06 7.54 14.42
N TYR A 54 20.28 8.05 14.75
CA TYR A 54 21.48 7.85 13.92
C TYR A 54 22.70 7.48 14.71
N LYS A 55 23.73 6.82 14.16
CA LYS A 55 24.90 6.26 14.89
C LYS A 55 24.22 5.02 15.38
N VAL A 56 23.95 4.84 16.65
CA VAL A 56 23.19 3.69 17.05
C VAL A 56 22.12 4.21 18.00
N SER A 57 22.50 5.26 18.75
CA SER A 57 21.72 5.81 19.84
C SER A 57 21.29 7.27 19.75
N ASN A 58 21.58 7.96 18.66
CA ASN A 58 21.36 9.38 18.72
C ASN A 58 20.01 9.73 18.26
N ARG A 59 19.26 10.49 19.05
CA ARG A 59 17.97 10.92 18.61
C ARG A 59 18.15 12.12 17.70
N PHE A 60 17.30 12.30 16.73
CA PHE A 60 17.43 13.41 15.82
C PHE A 60 16.64 14.55 16.41
N SER A 61 16.59 15.73 15.79
CA SER A 61 15.84 16.86 16.32
C SER A 61 14.38 16.59 16.73
N GLY A 62 14.06 16.84 18.00
CA GLY A 62 12.69 16.73 18.47
C GLY A 62 12.06 15.36 18.34
N VAL A 63 12.86 14.32 18.45
CA VAL A 63 12.35 12.97 18.47
C VAL A 63 12.08 12.85 19.94
N PRO A 64 10.85 12.49 20.31
CA PRO A 64 10.43 12.21 21.70
C PRO A 64 11.39 11.37 22.51
N ASP A 65 11.59 11.73 23.79
CA ASP A 65 12.52 11.08 24.71
C ASP A 65 12.36 9.54 24.92
N ARG A 66 11.34 8.90 24.30
CA ARG A 66 11.04 7.48 24.52
C ARG A 66 11.66 6.39 23.59
N PHE A 67 12.58 6.74 22.68
CA PHE A 67 13.19 5.77 21.79
C PHE A 67 14.65 5.60 22.17
N SER A 68 15.13 4.40 22.37
CA SER A 68 16.55 4.19 22.67
C SER A 68 17.20 3.59 21.42
N GLY A 69 18.52 3.46 21.43
CA GLY A 69 19.21 2.84 20.34
C GLY A 69 20.32 2.03 20.96
N SER A 70 20.55 0.79 20.55
CA SER A 70 21.59 -0.04 21.18
C SER A 70 22.18 -1.00 20.16
N GLY A 71 23.49 -1.25 20.23
CA GLY A 71 24.06 -2.24 19.35
C GLY A 71 25.52 -2.06 19.08
N SER A 72 26.04 -2.93 18.22
CA SER A 72 27.42 -2.94 17.78
C SER A 72 27.68 -3.93 16.66
N GLY A 73 28.21 -3.46 15.55
CA GLY A 73 28.65 -4.38 14.53
C GLY A 73 27.54 -5.11 13.85
N THR A 74 27.12 -6.24 14.41
CA THR A 74 26.10 -7.03 13.74
C THR A 74 24.72 -7.14 14.42
N ASP A 75 24.54 -6.73 15.69
CA ASP A 75 23.25 -6.80 16.34
C ASP A 75 22.79 -5.48 16.90
N PHE A 76 21.57 -5.01 16.60
CA PHE A 76 21.12 -3.68 17.05
C PHE A 76 19.64 -3.77 17.37
N THR A 77 19.13 -2.91 18.27
CA THR A 77 17.77 -3.01 18.71
C THR A 77 17.23 -1.61 19.01
N LEU A 78 16.01 -1.26 18.52
CA LEU A 78 15.32 0.00 18.88
C LEU A 78 14.36 -0.39 20.00
N LYS A 79 14.22 0.40 21.06
CA LYS A 79 13.27 0.07 22.12
C LYS A 79 12.49 1.33 22.33
N ILE A 80 11.19 1.25 22.66
CA ILE A 80 10.35 2.43 22.91
C ILE A 80 9.65 2.14 24.23
N SER A 81 9.55 3.06 25.21
CA SER A 81 8.93 2.66 26.47
C SER A 81 7.41 2.73 26.45
N ARG A 82 6.79 3.78 25.91
CA ARG A 82 5.34 3.89 25.87
C ARG A 82 4.98 4.15 24.44
N VAL A 83 4.47 3.10 23.78
CA VAL A 83 4.03 3.20 22.39
C VAL A 83 2.82 4.12 22.32
N GLU A 84 2.95 5.10 21.43
CA GLU A 84 1.87 6.04 21.29
C GLU A 84 1.27 6.12 19.91
N ALA A 85 0.05 6.67 19.84
CA ALA A 85 -0.73 6.75 18.61
C ALA A 85 0.02 7.20 17.36
N GLU A 86 0.88 8.20 17.50
CA GLU A 86 1.68 8.68 16.39
C GLU A 86 2.89 7.78 16.11
N ASP A 87 2.92 6.55 16.65
CA ASP A 87 4.09 5.71 16.43
C ASP A 87 3.80 4.53 15.54
N LEU A 88 2.58 4.36 15.08
CA LEU A 88 2.35 3.22 14.25
C LEU A 88 2.95 3.57 12.91
N GLY A 89 3.63 2.59 12.31
CA GLY A 89 4.20 2.75 10.98
C GLY A 89 5.25 1.68 10.75
N VAL A 90 6.01 1.83 9.66
CA VAL A 90 7.06 0.87 9.35
C VAL A 90 8.35 1.53 9.73
N TYR A 91 9.11 0.81 10.57
CA TYR A 91 10.44 1.23 11.00
C TYR A 91 11.43 0.58 10.05
N PHE A 92 12.45 1.34 9.64
CA PHE A 92 13.49 0.82 8.78
C PHE A 92 14.79 1.13 9.43
N CYS A 93 15.81 0.39 9.06
CA CYS A 93 17.14 0.67 9.52
C CYS A 93 18.02 0.59 8.28
N SER A 94 19.13 1.31 8.25
CA SER A 94 20.01 1.31 7.09
C SER A 94 21.45 1.18 7.57
N GLN A 95 22.45 0.93 6.72
CA GLN A 95 23.81 0.92 7.20
C GLN A 95 24.57 1.85 6.28
N SER A 96 25.31 2.87 6.69
CA SER A 96 26.01 3.69 5.71
C SER A 96 27.51 3.41 5.64
N THR A 97 27.95 2.55 6.60
CA THR A 97 29.33 2.11 6.78
C THR A 97 29.91 1.44 5.53
N HIS A 98 29.11 0.87 4.62
CA HIS A 98 29.67 0.20 3.45
C HIS A 98 28.82 0.62 2.26
N VAL A 99 29.42 0.84 1.08
CA VAL A 99 28.66 1.16 -0.13
C VAL A 99 28.38 -0.14 -0.93
N PRO A 100 27.21 -0.34 -1.58
CA PRO A 100 26.02 0.52 -1.48
C PRO A 100 25.35 0.41 -0.11
N LEU A 101 24.46 1.37 0.15
CA LEU A 101 23.68 1.34 1.39
C LEU A 101 22.55 0.31 1.24
N THR A 102 22.20 -0.33 2.33
CA THR A 102 21.10 -1.26 2.32
C THR A 102 20.15 -0.85 3.42
N PHE A 103 18.88 -1.20 3.18
CA PHE A 103 17.77 -0.92 4.12
C PHE A 103 17.27 -2.24 4.62
N GLY A 104 16.99 -2.36 5.92
CA GLY A 104 16.40 -3.58 6.46
C GLY A 104 14.98 -3.80 5.91
N GLY A 105 14.40 -4.99 6.11
CA GLY A 105 13.05 -5.29 5.57
C GLY A 105 11.84 -4.44 6.08
N GLY A 106 11.89 -3.79 7.26
CA GLY A 106 10.76 -3.03 7.76
C GLY A 106 10.01 -3.81 8.81
N THR A 107 9.42 -3.10 9.79
CA THR A 107 8.65 -3.72 10.88
C THR A 107 7.40 -2.87 11.13
N LYS A 108 6.24 -3.27 10.57
CA LYS A 108 5.02 -2.51 10.72
C LYS A 108 4.42 -2.84 12.07
N LEU A 109 4.32 -1.77 12.84
CA LEU A 109 3.81 -1.85 14.19
C LEU A 109 2.28 -1.56 14.19
N GLU A 110 1.43 -2.54 14.51
CA GLU A 110 -0.03 -2.37 14.49
C GLU A 110 -0.64 -2.44 15.88
N ILE A 111 -1.98 -2.27 16.04
CA ILE A 111 -2.58 -2.38 17.38
C ILE A 111 -3.02 -3.83 17.60
N LYS A 112 -2.96 -4.28 18.81
CA LYS A 112 -3.30 -5.62 19.14
C LYS A 112 -4.65 -5.56 19.84
N ARG A 113 -5.68 -6.19 19.25
CA ARG A 113 -7.02 -6.17 19.79
C ARG A 113 -7.58 -7.58 19.91
N ALA A 114 -8.87 -7.82 19.99
CA ALA A 114 -9.36 -9.17 20.20
C ALA A 114 -9.81 -9.87 18.94
N ASP A 115 -9.87 -11.20 18.92
CA ASP A 115 -10.29 -11.90 17.71
C ASP A 115 -11.72 -11.55 17.39
N ALA A 116 -11.95 -11.25 16.12
CA ALA A 116 -13.27 -10.96 15.61
C ALA A 116 -13.39 -11.74 14.31
N ALA A 117 -14.49 -12.48 14.13
CA ALA A 117 -14.72 -13.29 12.96
C ALA A 117 -15.23 -12.40 11.87
N PRO A 118 -14.80 -12.53 10.63
CA PRO A 118 -15.35 -11.82 9.50
C PRO A 118 -16.84 -11.97 9.30
N THR A 119 -17.50 -10.91 8.84
CA THR A 119 -18.90 -11.01 8.44
C THR A 119 -18.76 -11.31 6.93
N VAL A 120 -19.21 -12.47 6.40
CA VAL A 120 -18.97 -12.77 5.01
C VAL A 120 -20.21 -12.48 4.13
N SER A 121 -20.14 -11.83 2.94
CA SER A 121 -21.34 -11.52 2.13
C SER A 121 -21.11 -11.80 0.67
N ILE A 122 -21.94 -12.56 -0.02
CA ILE A 122 -21.70 -12.88 -1.42
C ILE A 122 -22.74 -12.24 -2.31
N PHE A 123 -22.37 -11.70 -3.46
CA PHE A 123 -23.34 -11.01 -4.30
C PHE A 123 -23.34 -11.63 -5.69
N PRO A 124 -24.47 -12.05 -6.28
CA PRO A 124 -24.53 -12.45 -7.69
C PRO A 124 -24.30 -11.29 -8.70
N PRO A 125 -23.98 -11.57 -9.98
CA PRO A 125 -23.91 -10.60 -11.05
C PRO A 125 -25.08 -9.65 -11.22
N SER A 126 -24.68 -8.40 -11.30
CA SER A 126 -25.56 -7.31 -11.58
C SER A 126 -26.24 -7.63 -12.89
N SER A 127 -27.57 -7.70 -12.87
CA SER A 127 -28.39 -7.97 -14.04
C SER A 127 -28.02 -7.03 -15.18
N GLU A 128 -27.28 -5.92 -14.94
CA GLU A 128 -26.94 -5.00 -16.02
C GLU A 128 -25.52 -5.12 -16.44
N GLN A 129 -24.79 -6.11 -15.98
CA GLN A 129 -23.41 -6.35 -16.41
C GLN A 129 -23.46 -7.49 -17.41
N LEU A 130 -24.43 -8.40 -17.22
CA LEU A 130 -24.66 -9.50 -18.13
C LEU A 130 -24.88 -8.88 -19.48
N THR A 131 -25.73 -7.86 -19.55
CA THR A 131 -25.96 -7.13 -20.75
C THR A 131 -24.65 -6.66 -21.43
N SER A 132 -23.56 -6.50 -20.70
CA SER A 132 -22.28 -6.16 -21.29
C SER A 132 -21.63 -7.44 -21.76
N GLY A 133 -21.74 -8.53 -21.00
CA GLY A 133 -21.15 -9.80 -21.39
C GLY A 133 -20.16 -10.35 -20.38
N GLY A 134 -19.94 -9.65 -19.27
CA GLY A 134 -19.03 -10.14 -18.25
C GLY A 134 -19.84 -10.62 -17.08
N ALA A 135 -19.29 -11.41 -16.16
CA ALA A 135 -20.07 -11.82 -15.03
C ALA A 135 -19.13 -12.02 -13.85
N SER A 136 -19.11 -11.02 -12.95
CA SER A 136 -18.27 -11.01 -11.75
C SER A 136 -19.07 -11.48 -10.52
N VAL A 137 -18.47 -12.18 -9.56
CA VAL A 137 -19.19 -12.52 -8.34
C VAL A 137 -18.27 -11.94 -7.23
N VAL A 138 -18.76 -11.02 -6.41
CA VAL A 138 -17.99 -10.27 -5.40
C VAL A 138 -18.39 -10.86 -4.06
N CYS A 139 -17.46 -10.78 -3.13
CA CYS A 139 -17.61 -11.38 -1.83
C CYS A 139 -16.79 -10.58 -0.78
N PHE A 140 -17.44 -10.08 0.26
CA PHE A 140 -16.76 -9.25 1.21
C PHE A 140 -16.72 -9.97 2.52
N LEU A 141 -15.54 -9.95 3.16
CA LEU A 141 -15.33 -10.58 4.47
C LEU A 141 -14.82 -9.43 5.30
N ASN A 142 -15.80 -8.78 5.91
CA ASN A 142 -15.58 -7.55 6.64
C ASN A 142 -15.38 -7.67 8.15
N ASN A 143 -14.55 -6.77 8.68
CA ASN A 143 -14.33 -6.63 10.13
C ASN A 143 -13.82 -7.83 10.96
N PHE A 144 -12.65 -8.37 10.61
CA PHE A 144 -12.10 -9.50 11.34
C PHE A 144 -10.72 -9.18 11.85
N TYR A 145 -10.20 -10.01 12.74
CA TYR A 145 -8.86 -9.86 13.29
C TYR A 145 -8.51 -11.21 13.94
N PRO A 146 -7.28 -11.74 13.88
CA PRO A 146 -6.13 -11.17 13.16
C PRO A 146 -6.25 -11.06 11.64
N LYS A 147 -5.25 -10.58 10.90
CA LYS A 147 -5.40 -10.45 9.47
C LYS A 147 -5.38 -11.77 8.71
N ASP A 148 -4.82 -12.83 9.26
CA ASP A 148 -4.78 -14.11 8.54
C ASP A 148 -6.13 -14.72 8.19
N ILE A 149 -6.36 -14.92 6.87
CA ILE A 149 -7.58 -15.56 6.34
C ILE A 149 -7.33 -16.12 4.94
N ASN A 150 -8.06 -17.13 4.46
CA ASN A 150 -7.91 -17.49 3.06
C ASN A 150 -9.26 -17.90 2.61
N VAL A 151 -9.61 -17.26 1.51
CA VAL A 151 -10.90 -17.32 0.86
C VAL A 151 -10.78 -18.23 -0.33
N LYS A 152 -11.76 -19.11 -0.60
CA LYS A 152 -11.68 -19.99 -1.78
C LYS A 152 -13.02 -19.96 -2.48
N TRP A 153 -12.96 -19.97 -3.82
CA TRP A 153 -14.15 -20.02 -4.68
C TRP A 153 -14.34 -21.42 -5.26
N LYS A 154 -15.57 -21.85 -5.22
CA LYS A 154 -15.95 -23.15 -5.71
C LYS A 154 -17.07 -22.98 -6.67
N ILE A 155 -16.96 -23.54 -7.84
CA ILE A 155 -18.03 -23.48 -8.81
C ILE A 155 -18.42 -24.93 -8.91
N ASP A 156 -19.69 -25.23 -8.61
CA ASP A 156 -20.20 -26.58 -8.65
C ASP A 156 -19.24 -27.53 -7.96
N GLY A 157 -18.87 -27.23 -6.72
CA GLY A 157 -17.98 -28.10 -5.94
C GLY A 157 -16.52 -27.97 -6.32
N SER A 158 -16.17 -27.75 -7.55
CA SER A 158 -14.77 -27.67 -7.92
C SER A 158 -14.13 -26.34 -7.51
N GLU A 159 -12.87 -26.27 -7.03
CA GLU A 159 -12.27 -24.99 -6.79
C GLU A 159 -11.23 -24.76 -7.87
N ARG A 160 -11.58 -24.74 -9.16
CA ARG A 160 -10.59 -24.62 -10.28
C ARG A 160 -9.77 -23.28 -10.37
N GLN A 161 -9.84 -22.51 -9.30
CA GLN A 161 -9.67 -21.08 -9.45
C GLN A 161 -8.44 -20.21 -9.57
N ASN A 162 -8.55 -19.47 -10.68
CA ASN A 162 -7.57 -18.46 -11.08
C ASN A 162 -8.09 -17.02 -11.40
N GLY A 163 -9.35 -16.70 -11.79
CA GLY A 163 -9.70 -15.29 -12.13
C GLY A 163 -10.06 -14.34 -10.95
N VAL A 164 -9.45 -14.60 -9.79
CA VAL A 164 -9.73 -13.92 -8.53
C VAL A 164 -9.02 -12.57 -8.31
N LEU A 165 -9.73 -11.49 -7.92
CA LEU A 165 -9.10 -10.21 -7.57
C LEU A 165 -9.37 -9.91 -6.08
N ASN A 166 -8.34 -9.92 -5.23
CA ASN A 166 -8.47 -9.67 -3.81
C ASN A 166 -7.94 -8.33 -3.52
N SER A 167 -8.49 -7.68 -2.50
CA SER A 167 -8.06 -6.34 -2.09
C SER A 167 -8.28 -6.33 -0.58
N TRP A 168 -7.52 -5.52 0.17
CA TRP A 168 -7.51 -5.53 1.65
C TRP A 168 -7.36 -4.14 2.12
N THR A 169 -7.93 -3.84 3.25
CA THR A 169 -7.79 -2.54 3.86
C THR A 169 -6.68 -2.55 4.94
N ASP A 170 -6.23 -1.40 5.45
CA ASP A 170 -5.29 -1.43 6.56
C ASP A 170 -6.16 -1.35 7.78
N GLN A 171 -5.51 -1.44 8.94
CA GLN A 171 -6.17 -1.47 10.21
C GLN A 171 -6.92 -0.17 10.41
N ASP A 172 -8.19 -0.48 10.65
CA ASP A 172 -9.21 0.50 10.88
C ASP A 172 -8.78 1.29 12.10
N SER A 173 -9.24 2.55 12.05
CA SER A 173 -8.96 3.55 13.06
C SER A 173 -9.80 3.39 14.30
N LYS A 174 -11.06 2.94 14.11
CA LYS A 174 -11.91 2.67 15.27
C LYS A 174 -11.67 1.24 15.75
N ASP A 175 -12.49 0.26 15.36
CA ASP A 175 -12.37 -1.10 15.91
C ASP A 175 -11.10 -1.93 15.66
N SER A 176 -10.10 -1.39 14.92
CA SER A 176 -8.78 -2.02 14.74
C SER A 176 -8.75 -3.39 14.04
N THR A 177 -9.82 -3.65 13.28
CA THR A 177 -10.00 -4.88 12.50
C THR A 177 -9.54 -4.66 11.03
N TYR A 178 -9.68 -5.65 10.16
CA TYR A 178 -9.36 -5.48 8.74
C TYR A 178 -10.58 -5.76 7.89
N SER A 179 -10.53 -5.67 6.56
CA SER A 179 -11.66 -6.03 5.73
C SER A 179 -11.06 -6.41 4.40
N MET A 180 -11.65 -7.37 3.71
CA MET A 180 -11.12 -7.84 2.46
C MET A 180 -12.27 -8.03 1.46
N SER A 181 -11.95 -8.01 0.18
CA SER A 181 -12.94 -8.25 -0.83
C SER A 181 -12.39 -9.27 -1.81
N SER A 182 -13.14 -10.28 -2.22
CA SER A 182 -12.65 -11.20 -3.22
C SER A 182 -13.63 -11.21 -4.40
N THR A 183 -13.13 -11.07 -5.64
CA THR A 183 -14.00 -11.06 -6.82
C THR A 183 -13.64 -12.12 -7.85
N LEU A 184 -14.42 -13.20 -8.08
CA LEU A 184 -14.09 -14.18 -9.13
C LEU A 184 -14.80 -13.71 -10.36
N THR A 185 -14.05 -13.28 -11.40
CA THR A 185 -14.62 -12.84 -12.64
C THR A 185 -14.62 -13.96 -13.70
N LEU A 186 -15.76 -14.06 -14.41
CA LEU A 186 -15.99 -15.02 -15.49
C LEU A 186 -16.63 -14.30 -16.67
N THR A 187 -17.14 -15.00 -17.70
CA THR A 187 -17.83 -14.34 -18.81
C THR A 187 -19.28 -14.69 -18.69
N LYS A 188 -20.16 -14.07 -19.43
CA LYS A 188 -21.55 -14.46 -19.39
C LYS A 188 -21.69 -15.91 -19.89
N ASP A 189 -20.84 -16.31 -20.83
CA ASP A 189 -20.84 -17.65 -21.40
C ASP A 189 -20.43 -18.66 -20.33
N GLU A 190 -19.18 -18.61 -19.87
CA GLU A 190 -18.69 -19.46 -18.78
C GLU A 190 -19.68 -19.57 -17.59
N TYR A 191 -20.17 -18.39 -17.18
CA TYR A 191 -21.07 -18.24 -16.05
C TYR A 191 -22.41 -18.92 -16.28
N GLU A 192 -23.02 -18.81 -17.45
CA GLU A 192 -24.30 -19.43 -17.68
C GLU A 192 -24.22 -20.91 -18.05
N ARG A 193 -23.09 -21.53 -17.73
CA ARG A 193 -22.95 -22.94 -17.95
C ARG A 193 -22.78 -23.59 -16.59
N HIS A 194 -23.13 -22.92 -15.49
CA HIS A 194 -22.93 -23.51 -14.15
C HIS A 194 -23.99 -23.00 -13.21
N ASN A 195 -24.06 -23.77 -12.12
CA ASN A 195 -25.07 -23.59 -11.10
C ASN A 195 -24.60 -22.87 -9.83
N SER A 196 -23.97 -23.59 -8.91
CA SER A 196 -23.63 -22.96 -7.67
C SER A 196 -22.32 -22.31 -7.77
N TYR A 197 -22.24 -21.25 -6.91
CA TYR A 197 -21.08 -20.38 -6.70
C TYR A 197 -20.94 -20.18 -5.21
N THR A 198 -19.82 -20.67 -4.68
CA THR A 198 -19.48 -20.63 -3.26
C THR A 198 -18.24 -19.77 -3.02
N CYS A 199 -18.22 -19.25 -1.82
CA CYS A 199 -17.19 -18.40 -1.27
C CYS A 199 -16.92 -18.96 0.13
N GLU A 200 -15.69 -19.37 0.47
CA GLU A 200 -15.47 -19.80 1.83
C GLU A 200 -14.17 -19.32 2.44
N ALA A 201 -14.26 -18.90 3.71
CA ALA A 201 -13.13 -18.38 4.49
C ALA A 201 -12.64 -19.20 5.69
N THR A 202 -11.30 -19.24 5.79
CA THR A 202 -10.61 -19.95 6.85
C THR A 202 -9.87 -18.93 7.73
N HIS A 203 -10.31 -18.81 8.99
CA HIS A 203 -9.80 -17.82 9.93
C HIS A 203 -9.78 -18.46 11.32
N LYS A 204 -8.79 -18.25 12.18
CA LYS A 204 -8.82 -18.80 13.52
C LYS A 204 -10.08 -18.53 14.41
N THR A 205 -11.09 -17.79 13.98
CA THR A 205 -12.28 -17.69 14.80
C THR A 205 -13.24 -18.93 14.62
N SER A 206 -13.00 -19.86 13.64
CA SER A 206 -13.87 -21.03 13.56
C SER A 206 -13.19 -22.28 13.05
N THR A 207 -13.44 -23.41 13.75
CA THR A 207 -12.88 -24.70 13.34
C THR A 207 -13.55 -25.25 12.08
N SER A 208 -14.73 -24.69 11.77
CA SER A 208 -15.39 -25.01 10.54
C SER A 208 -15.09 -23.80 9.71
N PRO A 209 -14.78 -23.97 8.42
CA PRO A 209 -14.80 -22.90 7.42
C PRO A 209 -16.12 -22.10 7.33
N ILE A 210 -16.06 -20.78 7.02
CA ILE A 210 -17.29 -20.00 6.90
C ILE A 210 -17.66 -20.11 5.43
N VAL A 211 -18.86 -20.58 5.12
CA VAL A 211 -19.25 -20.83 3.71
C VAL A 211 -20.40 -19.93 3.27
N LYS A 212 -20.51 -19.53 1.99
CA LYS A 212 -21.64 -18.71 1.48
C LYS A 212 -21.75 -19.07 0.02
N SER A 213 -22.94 -19.21 -0.51
CA SER A 213 -23.11 -19.63 -1.89
C SER A 213 -24.49 -19.34 -2.39
N PHE A 214 -24.72 -19.43 -3.66
CA PHE A 214 -26.06 -19.32 -4.17
C PHE A 214 -26.12 -20.27 -5.35
N ASN A 215 -27.31 -20.41 -5.94
CA ASN A 215 -27.51 -21.28 -7.06
C ASN A 215 -28.23 -20.55 -8.17
N ARG A 216 -27.77 -20.86 -9.42
CA ARG A 216 -28.32 -20.51 -10.73
C ARG A 216 -27.54 -19.59 -11.71
N ASN A 217 -28.06 -19.84 -12.93
CA ASN A 217 -27.90 -19.19 -14.25
C ASN A 217 -27.27 -20.19 -15.15
N GLU A 218 -28.07 -20.73 -16.08
CA GLU A 218 -27.62 -21.78 -16.98
C GLU A 218 -28.57 -22.05 -18.16
N CYS A 219 -28.03 -22.74 -19.19
CA CYS A 219 -28.74 -23.37 -20.36
C CYS A 219 -29.93 -22.72 -21.12
N GLN B 1 14.09 26.61 7.33
CA GLN B 1 14.23 25.20 7.62
C GLN B 1 14.77 24.56 6.35
N VAL B 2 15.44 23.40 6.43
CA VAL B 2 15.93 22.81 5.21
C VAL B 2 14.70 22.19 4.56
N GLN B 3 14.66 22.11 3.22
CA GLN B 3 13.51 21.59 2.49
C GLN B 3 14.03 21.16 1.12
N LEU B 4 13.46 20.11 0.52
CA LEU B 4 13.87 19.58 -0.77
C LEU B 4 12.59 19.46 -1.55
N GLN B 5 12.42 20.21 -2.62
CA GLN B 5 11.15 20.16 -3.34
C GLN B 5 11.35 19.42 -4.65
N GLN B 6 10.93 18.17 -4.53
CA GLN B 6 10.95 17.30 -5.67
C GLN B 6 9.75 17.73 -6.47
N SER B 7 9.66 17.39 -7.72
CA SER B 7 8.45 17.72 -8.42
C SER B 7 8.14 16.58 -9.39
N GLY B 8 6.98 15.95 -9.07
CA GLY B 8 6.38 14.85 -9.84
C GLY B 8 4.92 15.20 -10.05
N PRO B 9 3.88 14.35 -10.27
CA PRO B 9 3.97 12.92 -10.59
C PRO B 9 3.85 12.69 -12.09
N GLU B 10 4.43 11.58 -12.55
CA GLU B 10 4.45 11.28 -13.96
C GLU B 10 3.66 10.04 -14.37
N LEU B 11 2.92 10.08 -15.50
CA LEU B 11 2.28 8.90 -16.04
C LEU B 11 2.81 8.86 -17.47
N VAL B 12 3.56 7.81 -17.83
CA VAL B 12 4.29 7.69 -19.10
C VAL B 12 4.20 6.27 -19.65
N ARG B 13 4.51 6.10 -20.95
CA ARG B 13 4.45 4.79 -21.69
C ARG B 13 5.82 4.08 -21.71
N PRO B 14 5.84 2.76 -21.96
CA PRO B 14 7.07 1.99 -22.15
C PRO B 14 8.21 2.56 -23.01
N GLY B 15 9.45 2.23 -22.69
CA GLY B 15 10.62 2.65 -23.46
C GLY B 15 10.84 4.16 -23.49
N VAL B 16 10.11 4.94 -22.72
CA VAL B 16 10.30 6.37 -22.74
C VAL B 16 11.33 6.76 -21.67
N SER B 17 11.57 8.06 -21.50
CA SER B 17 12.52 8.57 -20.55
C SER B 17 11.87 9.66 -19.68
N VAL B 18 12.22 9.78 -18.40
CA VAL B 18 11.67 10.85 -17.61
C VAL B 18 12.77 11.36 -16.70
N LYS B 19 12.89 12.67 -16.55
CA LYS B 19 13.92 13.23 -15.67
C LYS B 19 13.14 13.83 -14.51
N ILE B 20 13.49 13.51 -13.27
CA ILE B 20 12.73 14.01 -12.14
C ILE B 20 13.66 14.74 -11.17
N SER B 21 13.25 15.98 -10.78
CA SER B 21 14.02 16.86 -9.91
C SER B 21 13.94 16.79 -8.37
N CYS B 22 14.94 17.46 -7.72
CA CYS B 22 15.05 17.65 -6.27
C CYS B 22 15.69 19.03 -6.04
N LYS B 23 14.94 20.00 -5.52
CA LYS B 23 15.43 21.37 -5.32
C LYS B 23 15.75 21.67 -3.84
N GLY B 24 17.00 21.94 -3.44
CA GLY B 24 17.34 22.11 -2.02
C GLY B 24 17.38 23.55 -1.53
N SER B 25 16.88 23.81 -0.32
CA SER B 25 16.86 25.16 0.24
C SER B 25 17.03 25.09 1.78
N GLY B 26 17.54 26.17 2.40
CA GLY B 26 17.73 26.22 3.86
C GLY B 26 19.15 25.83 4.27
N TYR B 27 20.01 25.59 3.26
CA TYR B 27 21.37 25.12 3.50
C TYR B 27 22.37 25.40 2.36
N THR B 28 23.66 25.27 2.62
CA THR B 28 24.60 25.49 1.59
C THR B 28 24.58 24.28 0.71
N PHE B 29 23.93 24.45 -0.43
CA PHE B 29 23.82 23.39 -1.42
C PHE B 29 25.11 22.63 -1.70
N ILE B 30 26.21 23.29 -2.07
CA ILE B 30 27.39 22.53 -2.42
C ILE B 30 28.15 21.93 -1.24
N ASP B 31 27.62 21.95 -0.01
CA ASP B 31 28.31 21.31 1.08
C ASP B 31 27.70 19.94 1.46
N TYR B 32 26.94 19.27 0.54
CA TYR B 32 26.27 17.98 0.82
C TYR B 32 26.05 17.17 -0.47
N ALA B 33 25.21 16.11 -0.49
CA ALA B 33 25.02 15.35 -1.71
C ALA B 33 23.61 14.78 -1.78
N ILE B 34 23.07 14.54 -2.99
CA ILE B 34 21.71 14.04 -3.16
C ILE B 34 21.72 12.57 -3.53
N HIS B 35 21.05 11.77 -2.71
CA HIS B 35 20.90 10.33 -2.92
C HIS B 35 19.48 10.08 -3.38
N TRP B 36 19.17 8.97 -4.06
CA TRP B 36 17.81 8.74 -4.57
C TRP B 36 17.37 7.36 -4.19
N VAL B 37 16.16 7.18 -3.66
CA VAL B 37 15.67 5.87 -3.22
C VAL B 37 14.39 5.41 -3.93
N LYS B 38 14.33 4.12 -4.30
CA LYS B 38 13.19 3.52 -5.03
C LYS B 38 12.23 2.85 -4.06
N GLU B 39 10.96 3.26 -4.01
CA GLU B 39 10.02 2.61 -3.09
C GLU B 39 9.07 1.81 -3.95
N SER B 40 9.38 0.51 -3.92
CA SER B 40 8.70 -0.54 -4.67
C SER B 40 7.29 -0.84 -4.17
N HIS B 41 6.31 -1.42 -4.95
CA HIS B 41 5.03 -1.86 -4.35
C HIS B 41 5.30 -3.06 -3.43
N ALA B 42 6.44 -3.68 -3.66
CA ALA B 42 7.03 -4.68 -2.79
C ALA B 42 7.58 -4.02 -1.48
N LYS B 43 7.41 -2.70 -1.44
CA LYS B 43 7.69 -1.81 -0.35
C LYS B 43 9.01 -1.79 0.37
N SER B 44 10.02 -2.63 0.10
CA SER B 44 11.26 -2.39 0.80
C SER B 44 11.80 -1.19 0.01
N LEU B 45 12.68 -0.42 0.68
CA LEU B 45 13.29 0.77 0.11
C LEU B 45 14.61 0.36 -0.60
N GLU B 46 15.08 1.07 -1.67
CA GLU B 46 16.32 0.70 -2.36
C GLU B 46 17.21 1.86 -2.81
N TRP B 47 18.48 1.96 -2.40
CA TRP B 47 19.35 3.08 -2.81
C TRP B 47 19.80 2.91 -4.24
N ILE B 48 19.76 3.94 -5.09
CA ILE B 48 20.21 3.74 -6.44
C ILE B 48 21.52 4.44 -6.70
N GLY B 49 21.82 5.52 -6.00
CA GLY B 49 23.11 6.15 -6.20
C GLY B 49 23.18 7.50 -5.54
N VAL B 50 24.36 8.12 -5.61
CA VAL B 50 24.59 9.46 -5.08
C VAL B 50 25.39 10.29 -6.07
N ILE B 51 25.12 11.59 -6.12
CA ILE B 51 25.92 12.46 -6.95
C ILE B 51 26.40 13.60 -6.03
N SER B 52 27.56 14.23 -6.30
CA SER B 52 28.11 15.35 -5.55
C SER B 52 28.77 14.87 -4.26
N ALA B 53 29.56 15.77 -3.63
CA ALA B 53 30.37 15.46 -2.42
C ALA B 53 31.08 14.11 -2.61
N TYR B 54 31.24 13.22 -1.59
CA TYR B 54 31.69 11.82 -1.80
C TYR B 54 30.95 11.23 -2.97
N SER B 55 31.53 10.50 -3.92
CA SER B 55 30.68 10.13 -5.00
C SER B 55 30.99 8.97 -5.86
N GLY B 56 29.84 8.53 -6.39
CA GLY B 56 29.74 7.41 -7.30
C GLY B 56 28.57 7.80 -8.18
N ASP B 57 28.94 8.76 -9.03
CA ASP B 57 28.09 9.50 -9.95
C ASP B 57 27.67 8.75 -11.22
N THR B 58 26.89 9.50 -12.03
CA THR B 58 26.19 9.09 -13.29
C THR B 58 25.07 8.30 -12.61
N ASN B 59 25.10 7.03 -12.39
CA ASN B 59 24.15 6.43 -11.47
C ASN B 59 24.93 5.26 -11.03
N TYR B 60 24.72 4.70 -9.83
CA TYR B 60 25.67 3.72 -9.38
C TYR B 60 25.34 2.87 -8.21
N ASN B 61 24.48 1.98 -8.52
CA ASN B 61 24.21 0.87 -7.69
C ASN B 61 24.02 -0.15 -8.77
N GLN B 62 24.78 -1.20 -8.53
CA GLN B 62 24.77 -2.47 -9.27
C GLN B 62 23.50 -2.60 -10.14
N LYS B 63 22.32 -2.62 -9.56
CA LYS B 63 21.10 -2.67 -10.34
C LYS B 63 20.90 -1.46 -11.28
N PHE B 64 21.08 -0.23 -10.82
CA PHE B 64 20.67 0.93 -11.59
C PHE B 64 21.59 1.61 -12.62
N LYS B 65 22.81 1.13 -12.94
CA LYS B 65 23.65 1.91 -13.86
C LYS B 65 23.28 1.71 -15.31
N GLY B 66 23.33 2.86 -15.97
CA GLY B 66 22.88 2.93 -17.35
C GLY B 66 21.37 3.17 -17.40
N LYS B 67 20.63 2.61 -16.41
CA LYS B 67 19.20 2.79 -16.23
C LYS B 67 18.92 4.20 -15.80
N ALA B 68 19.44 4.60 -14.63
CA ALA B 68 19.25 5.96 -14.24
C ALA B 68 20.55 6.70 -14.48
N THR B 69 20.49 8.03 -14.60
CA THR B 69 21.63 8.91 -14.81
C THR B 69 21.40 10.13 -13.90
N MET B 70 22.38 10.59 -13.12
CA MET B 70 22.19 11.70 -12.20
C MET B 70 23.05 12.91 -12.61
N THR B 71 22.46 14.10 -12.52
CA THR B 71 23.06 15.36 -12.92
C THR B 71 22.66 16.47 -11.88
N VAL B 72 23.31 17.65 -11.93
CA VAL B 72 23.13 18.70 -10.93
C VAL B 72 22.94 20.06 -11.60
N ASP B 73 22.64 21.11 -10.81
CA ASP B 73 22.44 22.47 -11.35
C ASP B 73 22.48 23.54 -10.25
N LYS B 74 23.69 23.74 -9.71
CA LYS B 74 24.01 24.67 -8.61
C LYS B 74 23.45 26.09 -8.71
N SER B 75 23.32 26.58 -9.95
CA SER B 75 22.74 27.90 -10.25
C SER B 75 21.27 28.02 -9.78
N SER B 76 20.54 26.91 -9.93
CA SER B 76 19.16 26.88 -9.47
C SER B 76 18.84 25.66 -8.61
N ASN B 77 19.79 25.33 -7.71
CA ASN B 77 19.69 24.25 -6.72
C ASN B 77 18.95 22.97 -7.08
N THR B 78 19.08 22.48 -8.31
CA THR B 78 18.35 21.29 -8.66
C THR B 78 19.14 20.10 -9.15
N ALA B 79 18.77 18.95 -8.58
CA ALA B 79 19.34 17.67 -8.97
C ALA B 79 18.39 17.05 -9.98
N TYR B 80 18.94 16.13 -10.78
CA TYR B 80 18.18 15.51 -11.83
C TYR B 80 18.55 14.06 -11.89
N LEU B 81 17.53 13.22 -11.83
CA LEU B 81 17.66 11.78 -11.98
C LEU B 81 16.99 11.51 -13.33
N GLU B 82 17.57 10.65 -14.14
CA GLU B 82 16.97 10.39 -15.41
C GLU B 82 16.80 8.92 -15.64
N LEU B 83 15.55 8.46 -15.62
CA LEU B 83 15.25 7.06 -15.92
C LEU B 83 14.79 7.02 -17.38
N ALA B 84 15.13 5.91 -18.05
CA ALA B 84 14.77 5.69 -19.45
C ALA B 84 14.68 4.18 -19.66
N ARG B 85 14.11 3.72 -20.82
CA ARG B 85 13.85 2.28 -21.11
C ARG B 85 12.90 1.83 -20.00
N LEU B 86 11.87 2.65 -19.88
CA LEU B 86 10.93 2.46 -18.81
C LEU B 86 9.95 1.37 -19.06
N THR B 87 9.73 0.62 -18.02
CA THR B 87 8.77 -0.41 -18.06
C THR B 87 7.87 -0.31 -16.85
N SER B 88 6.83 -1.15 -16.81
CA SER B 88 5.89 -1.22 -15.71
C SER B 88 6.65 -1.68 -14.47
N GLU B 89 7.61 -2.56 -14.70
CA GLU B 89 8.49 -3.03 -13.65
C GLU B 89 9.22 -1.87 -13.00
N ASP B 90 9.14 -0.64 -13.57
CA ASP B 90 9.70 0.59 -12.99
C ASP B 90 8.70 1.60 -12.43
N SER B 91 7.49 1.14 -12.09
CA SER B 91 6.48 2.00 -11.50
C SER B 91 6.80 2.02 -10.02
N ALA B 92 7.05 3.19 -9.44
CA ALA B 92 7.46 3.25 -8.05
C ALA B 92 7.44 4.69 -7.58
N ILE B 93 7.88 4.93 -6.33
CA ILE B 93 7.95 6.27 -5.76
C ILE B 93 9.41 6.60 -5.64
N TYR B 94 9.87 7.69 -6.21
CA TYR B 94 11.28 8.01 -6.14
C TYR B 94 11.51 9.18 -5.19
N TYR B 95 12.30 8.88 -4.14
CA TYR B 95 12.69 9.85 -3.11
C TYR B 95 14.07 10.50 -3.31
N CYS B 96 14.25 11.76 -2.90
CA CYS B 96 15.55 12.32 -2.96
C CYS B 96 15.92 12.68 -1.56
N ALA B 97 17.20 12.41 -1.17
CA ALA B 97 17.65 12.57 0.21
C ALA B 97 18.99 13.26 0.37
N ARG B 98 19.10 14.11 1.38
CA ARG B 98 20.36 14.75 1.66
C ARG B 98 21.27 13.81 2.44
N GLY B 99 22.42 13.54 1.87
CA GLY B 99 23.40 12.63 2.48
C GLY B 99 24.39 13.37 3.37
N GLY B 100 23.99 13.28 4.68
CA GLY B 100 24.72 13.84 5.85
C GLY B 100 25.84 12.94 6.44
N TRP B 101 26.92 13.59 6.82
CA TRP B 101 28.03 12.90 7.38
C TRP B 101 27.74 12.48 8.78
N LEU B 102 28.76 12.48 9.69
CA LEU B 102 28.59 12.06 11.06
C LEU B 102 27.42 12.61 11.89
N LEU B 103 26.64 13.65 11.55
CA LEU B 103 25.37 13.84 12.25
C LEU B 103 24.49 13.01 11.30
N LEU B 104 24.89 11.71 11.39
CA LEU B 104 24.61 10.59 10.50
C LEU B 104 23.38 10.38 9.57
N SER B 105 23.79 10.27 8.30
CA SER B 105 22.98 9.96 7.14
C SER B 105 21.76 10.77 6.66
N PHE B 106 20.64 10.14 6.25
CA PHE B 106 19.54 10.84 5.58
C PHE B 106 18.68 11.67 6.51
N ASP B 107 19.14 12.86 6.79
CA ASP B 107 18.43 13.74 7.68
C ASP B 107 17.24 14.51 7.06
N TYR B 108 17.14 14.66 5.72
CA TYR B 108 16.00 15.32 5.07
C TYR B 108 15.65 14.55 3.80
N TRP B 109 14.36 14.38 3.49
CA TRP B 109 13.89 13.64 2.32
C TRP B 109 13.04 14.52 1.40
N GLY B 110 12.60 13.99 0.27
CA GLY B 110 11.72 14.72 -0.59
C GLY B 110 10.32 14.18 -0.39
N GLN B 111 9.31 14.70 -1.04
CA GLN B 111 7.97 14.20 -0.77
C GLN B 111 7.73 12.85 -1.43
N GLY B 112 8.60 12.46 -2.36
CA GLY B 112 8.41 11.27 -3.16
C GLY B 112 7.78 11.70 -4.47
N THR B 113 7.80 10.85 -5.52
CA THR B 113 7.17 11.22 -6.80
C THR B 113 5.95 10.49 -7.32
N THR B 114 6.13 9.21 -7.64
CA THR B 114 5.11 8.39 -8.28
C THR B 114 5.16 8.74 -9.77
N LEU B 115 5.41 7.56 -10.38
CA LEU B 115 5.55 7.30 -11.81
C LEU B 115 4.67 6.08 -12.18
N THR B 116 3.78 6.23 -13.16
CA THR B 116 2.98 5.12 -13.57
C THR B 116 3.28 4.87 -15.03
N VAL B 117 3.77 3.67 -15.26
CA VAL B 117 4.10 3.28 -16.59
C VAL B 117 2.99 2.35 -17.12
N SER B 118 2.20 2.81 -18.10
CA SER B 118 1.15 2.00 -18.69
C SER B 118 1.01 2.28 -20.19
N SER B 119 0.35 1.23 -20.78
CA SER B 119 -0.04 1.15 -22.19
C SER B 119 -1.53 1.42 -22.36
N ALA B 120 -2.22 1.53 -21.24
CA ALA B 120 -3.64 1.73 -21.27
C ALA B 120 -3.99 3.17 -21.57
N LYS B 121 -5.04 3.30 -22.37
CA LYS B 121 -5.59 4.61 -22.73
C LYS B 121 -6.58 5.10 -21.65
N THR B 122 -6.99 6.36 -21.66
CA THR B 122 -7.97 6.86 -20.68
C THR B 122 -9.32 6.15 -20.86
N THR B 123 -9.69 5.34 -19.86
CA THR B 123 -10.85 4.47 -19.93
C THR B 123 -11.80 4.77 -18.79
N ALA B 124 -13.05 5.11 -19.07
CA ALA B 124 -14.00 5.42 -17.99
C ALA B 124 -14.61 4.14 -17.44
N PRO B 125 -14.87 4.02 -16.13
CA PRO B 125 -15.38 2.82 -15.50
C PRO B 125 -16.74 2.33 -15.89
N SER B 126 -16.94 1.05 -15.66
CA SER B 126 -18.26 0.50 -15.72
C SER B 126 -18.54 0.25 -14.25
N VAL B 127 -19.58 0.89 -13.75
CA VAL B 127 -19.95 0.79 -12.37
C VAL B 127 -21.34 0.21 -12.37
N THR B 128 -21.51 -0.81 -11.54
CA THR B 128 -22.69 -1.64 -11.46
C THR B 128 -22.99 -2.05 -9.99
N PRO B 129 -24.28 -2.10 -9.57
CA PRO B 129 -24.72 -2.21 -8.16
C PRO B 129 -24.85 -3.62 -7.57
N LEU B 130 -24.38 -3.77 -6.36
CA LEU B 130 -24.41 -5.03 -5.67
C LEU B 130 -25.52 -5.03 -4.61
N ALA B 131 -26.49 -5.85 -4.92
CA ALA B 131 -27.70 -5.93 -4.18
C ALA B 131 -27.81 -7.20 -3.35
N PRO B 132 -28.70 -7.21 -2.33
CA PRO B 132 -28.45 -7.79 -1.02
C PRO B 132 -28.11 -9.22 -1.10
N VAL B 133 -26.86 -9.46 -0.79
CA VAL B 133 -26.22 -10.78 -0.76
C VAL B 133 -26.94 -11.91 -1.56
N CYS B 134 -27.50 -13.00 -1.02
CA CYS B 134 -28.16 -13.98 -1.89
C CYS B 134 -29.64 -13.56 -2.25
N GLY B 135 -30.22 -12.46 -1.69
CA GLY B 135 -31.62 -12.08 -1.93
C GLY B 135 -32.55 -12.58 -0.81
N ASP B 136 -32.04 -13.62 -0.13
CA ASP B 136 -32.69 -14.25 1.02
C ASP B 136 -31.70 -13.94 2.18
N THR B 137 -30.84 -12.95 2.01
CA THR B 137 -29.79 -12.70 2.97
C THR B 137 -29.91 -11.29 3.48
N THR B 138 -31.10 -11.05 4.04
CA THR B 138 -31.44 -9.75 4.61
C THR B 138 -32.04 -9.98 6.02
N GLY B 139 -31.31 -10.32 7.11
CA GLY B 139 -31.95 -10.49 8.42
C GLY B 139 -31.12 -9.99 9.63
N SER B 140 -31.28 -8.69 9.95
CA SER B 140 -30.74 -7.91 11.11
C SER B 140 -29.87 -6.71 10.72
N SER B 141 -29.10 -6.87 9.64
CA SER B 141 -28.26 -5.84 9.04
C SER B 141 -28.04 -6.26 7.60
N VAL B 142 -28.04 -5.37 6.65
CA VAL B 142 -27.77 -5.78 5.32
C VAL B 142 -26.56 -5.04 4.82
N THR B 143 -25.84 -5.69 3.92
CA THR B 143 -24.71 -5.11 3.27
C THR B 143 -25.01 -5.06 1.75
N LEU B 144 -24.64 -3.94 1.13
CA LEU B 144 -24.86 -3.71 -0.31
C LEU B 144 -23.50 -3.24 -0.86
N GLY B 145 -23.28 -3.13 -2.15
CA GLY B 145 -21.97 -2.72 -2.59
C GLY B 145 -22.02 -2.20 -3.99
N VAL B 146 -20.90 -1.72 -4.47
CA VAL B 146 -20.79 -1.23 -5.82
C VAL B 146 -19.40 -1.54 -6.30
N LEU B 147 -19.44 -2.15 -7.48
CA LEU B 147 -18.28 -2.52 -8.23
C LEU B 147 -17.99 -1.36 -9.21
N VAL B 148 -16.75 -0.93 -9.27
CA VAL B 148 -16.31 0.11 -10.18
C VAL B 148 -15.19 -0.57 -10.95
N LYS B 149 -15.50 -1.30 -12.04
CA LYS B 149 -14.44 -2.01 -12.72
C LYS B 149 -14.10 -1.43 -14.06
N GLY B 150 -12.81 -1.57 -14.36
CA GLY B 150 -12.31 -1.23 -15.65
C GLY B 150 -12.03 0.23 -15.95
N TYR B 151 -11.37 1.02 -15.11
CA TYR B 151 -11.06 2.40 -15.48
C TYR B 151 -9.55 2.66 -15.54
N PHE B 152 -9.15 3.81 -16.10
CA PHE B 152 -7.76 4.26 -16.20
C PHE B 152 -7.82 5.78 -16.42
N PRO B 153 -7.06 6.69 -15.77
CA PRO B 153 -6.12 6.42 -14.66
C PRO B 153 -6.82 6.61 -13.32
N GLU B 154 -6.04 6.55 -12.24
CA GLU B 154 -6.53 6.87 -10.90
C GLU B 154 -6.81 8.38 -10.68
N PRO B 155 -7.46 8.80 -9.60
CA PRO B 155 -8.28 7.94 -8.77
C PRO B 155 -9.70 8.10 -9.28
N VAL B 156 -10.61 7.67 -8.44
CA VAL B 156 -12.00 7.66 -8.74
C VAL B 156 -12.57 8.15 -7.41
N THR B 157 -13.71 8.80 -7.32
CA THR B 157 -14.26 9.15 -6.01
C THR B 157 -15.42 8.17 -5.87
N LEU B 158 -15.79 7.71 -4.68
CA LEU B 158 -16.96 6.84 -4.50
C LEU B 158 -17.67 7.11 -3.18
N THR B 159 -18.84 7.75 -3.13
CA THR B 159 -19.53 7.92 -1.85
C THR B 159 -20.83 7.17 -1.83
N TRP B 160 -21.49 7.12 -0.66
CA TRP B 160 -22.80 6.51 -0.53
C TRP B 160 -23.72 7.62 -0.06
N ASN B 161 -24.93 7.81 -0.62
CA ASN B 161 -25.83 8.94 -0.28
C ASN B 161 -25.15 10.30 -0.06
N SER B 162 -24.51 10.87 -1.10
CA SER B 162 -23.77 12.14 -1.07
C SER B 162 -22.70 12.36 -0.04
N GLY B 163 -22.46 11.45 0.87
CA GLY B 163 -21.48 11.66 1.89
C GLY B 163 -22.13 11.42 3.23
N SER B 164 -23.46 11.42 3.27
CA SER B 164 -24.14 11.23 4.51
C SER B 164 -24.08 9.83 5.08
N LEU B 165 -23.87 8.78 4.28
CA LEU B 165 -23.65 7.47 4.88
C LEU B 165 -22.15 7.24 5.01
N SER B 166 -21.59 7.41 6.18
CA SER B 166 -20.18 7.21 6.34
C SER B 166 -19.85 6.06 7.26
N SER B 167 -20.65 5.90 8.29
CA SER B 167 -20.46 4.81 9.22
C SER B 167 -20.66 3.49 8.48
N GLY B 168 -19.81 2.50 8.73
CA GLY B 168 -20.06 1.17 8.19
C GLY B 168 -19.67 0.94 6.74
N VAL B 169 -19.33 2.01 6.04
CA VAL B 169 -18.82 1.95 4.70
C VAL B 169 -17.42 1.32 4.79
N HIS B 170 -16.96 0.73 3.70
CA HIS B 170 -15.61 0.20 3.63
C HIS B 170 -15.34 0.28 2.15
N THR B 171 -14.34 1.06 1.72
CA THR B 171 -14.02 1.17 0.31
C THR B 171 -12.67 0.53 0.11
N PHE B 172 -12.47 -0.22 -0.95
CA PHE B 172 -11.23 -0.92 -1.15
C PHE B 172 -10.11 -0.20 -1.93
N PRO B 173 -8.84 -0.50 -1.67
CA PRO B 173 -7.71 -0.13 -2.54
C PRO B 173 -7.93 -0.55 -3.97
N ALA B 174 -7.92 0.36 -4.94
CA ALA B 174 -8.01 -0.04 -6.35
C ALA B 174 -6.95 -1.05 -6.73
N VAL B 175 -7.33 -2.19 -7.29
CA VAL B 175 -6.33 -3.13 -7.73
C VAL B 175 -6.31 -3.15 -9.26
N LEU B 176 -5.24 -3.62 -9.91
CA LEU B 176 -5.02 -3.49 -11.35
C LEU B 176 -5.10 -4.82 -12.06
N GLN B 177 -5.90 -4.94 -13.09
CA GLN B 177 -6.14 -6.27 -13.65
C GLN B 177 -5.39 -6.66 -14.89
N SER B 178 -5.63 -5.85 -15.92
CA SER B 178 -5.00 -6.08 -17.18
C SER B 178 -5.09 -4.73 -17.84
N ASP B 179 -4.15 -3.91 -17.39
CA ASP B 179 -3.95 -2.54 -17.82
C ASP B 179 -4.86 -1.54 -17.14
N LEU B 180 -6.10 -1.95 -16.82
CA LEU B 180 -7.07 -1.04 -16.15
C LEU B 180 -7.34 -1.46 -14.70
N TYR B 181 -7.93 -0.56 -13.92
CA TYR B 181 -8.25 -0.81 -12.51
C TYR B 181 -9.71 -1.17 -12.14
N THR B 182 -9.93 -1.58 -10.87
CA THR B 182 -11.25 -1.96 -10.33
C THR B 182 -11.30 -1.60 -8.85
N LEU B 183 -12.47 -1.21 -8.32
CA LEU B 183 -12.66 -0.81 -6.93
C LEU B 183 -14.03 -1.29 -6.44
N SER B 184 -14.20 -1.57 -5.17
CA SER B 184 -15.46 -2.04 -4.60
C SER B 184 -15.63 -1.37 -3.28
N SER B 185 -16.87 -1.20 -2.84
CA SER B 185 -17.17 -0.62 -1.54
C SER B 185 -18.43 -1.25 -1.07
N SER B 186 -18.57 -1.45 0.23
CA SER B 186 -19.80 -2.03 0.77
C SER B 186 -20.32 -1.20 1.92
N VAL B 187 -21.64 -1.07 2.01
CA VAL B 187 -22.25 -0.40 3.15
C VAL B 187 -23.18 -1.38 3.89
N THR B 188 -23.01 -1.48 5.21
CA THR B 188 -23.89 -2.29 6.01
C THR B 188 -24.74 -1.33 6.81
N VAL B 189 -26.06 -1.62 6.89
CA VAL B 189 -26.99 -0.79 7.61
C VAL B 189 -28.02 -1.68 8.26
N THR B 190 -28.89 -1.14 9.07
CA THR B 190 -29.94 -1.91 9.71
C THR B 190 -31.00 -2.45 8.70
N SER B 191 -31.32 -3.76 8.80
CA SER B 191 -32.30 -4.42 7.93
C SER B 191 -33.66 -3.78 7.69
N SER B 192 -34.17 -3.07 8.68
CA SER B 192 -35.49 -2.46 8.56
C SER B 192 -35.55 -1.18 7.74
N THR B 193 -34.38 -0.62 7.37
CA THR B 193 -34.30 0.65 6.65
C THR B 193 -33.89 0.58 5.20
N TRP B 194 -33.83 -0.58 4.59
CA TRP B 194 -33.59 -0.70 3.18
C TRP B 194 -34.41 -1.95 2.90
N PRO B 195 -35.33 -2.10 1.94
CA PRO B 195 -35.19 -1.81 0.52
C PRO B 195 -35.86 -0.54 0.18
N SER B 196 -36.01 0.40 1.07
CA SER B 196 -36.80 1.57 0.75
C SER B 196 -36.50 2.32 -0.59
N GLN B 197 -35.26 2.03 -1.13
CA GLN B 197 -34.60 2.70 -2.27
C GLN B 197 -34.17 4.09 -1.77
N SER B 198 -33.48 3.94 -0.65
CA SER B 198 -32.90 5.01 0.08
C SER B 198 -31.39 4.91 -0.04
N ILE B 199 -30.80 4.03 -0.87
CA ILE B 199 -29.33 4.02 -1.02
C ILE B 199 -28.85 4.13 -2.49
N THR B 200 -28.00 5.13 -2.73
CA THR B 200 -27.41 5.34 -4.03
C THR B 200 -25.90 5.47 -3.89
N CYS B 201 -25.25 4.80 -4.83
CA CYS B 201 -23.81 4.74 -4.96
C CYS B 201 -23.29 5.80 -5.92
N ASN B 202 -22.44 6.70 -5.42
CA ASN B 202 -21.92 7.82 -6.18
C ASN B 202 -20.45 7.67 -6.66
N VAL B 203 -20.19 7.46 -7.97
CA VAL B 203 -18.81 7.35 -8.46
C VAL B 203 -18.39 8.52 -9.39
N ALA B 204 -17.19 9.06 -9.22
CA ALA B 204 -16.73 10.17 -10.03
C ALA B 204 -15.36 9.86 -10.59
N HIS B 205 -15.18 9.74 -11.91
CA HIS B 205 -13.87 9.51 -12.47
C HIS B 205 -13.61 10.80 -13.24
N PRO B 206 -12.76 11.69 -12.69
CA PRO B 206 -12.33 12.94 -13.32
C PRO B 206 -12.24 13.04 -14.85
N ALA B 207 -11.95 12.01 -15.64
CA ALA B 207 -12.10 12.18 -17.08
C ALA B 207 -13.59 12.04 -17.48
N SER B 208 -14.50 12.82 -16.78
CA SER B 208 -15.97 12.89 -16.93
C SER B 208 -16.89 11.73 -16.41
N SER B 209 -17.30 11.51 -15.12
CA SER B 209 -18.27 10.42 -14.79
C SER B 209 -19.36 10.62 -13.70
N THR B 210 -20.29 9.62 -13.49
CA THR B 210 -21.42 9.66 -12.50
C THR B 210 -22.26 8.35 -12.04
N LYS B 211 -23.14 8.53 -10.97
CA LYS B 211 -23.87 7.57 -10.08
C LYS B 211 -25.14 6.66 -10.12
N VAL B 212 -25.02 5.40 -9.60
CA VAL B 212 -26.10 4.33 -9.63
C VAL B 212 -26.90 4.04 -8.32
N ASP B 213 -28.20 3.67 -8.43
CA ASP B 213 -29.07 3.41 -7.26
C ASP B 213 -29.35 1.94 -6.97
N LYS B 214 -29.42 1.46 -5.72
CA LYS B 214 -29.72 0.03 -5.46
C LYS B 214 -31.19 -0.26 -5.45
N LYS B 215 -31.71 -0.72 -6.58
CA LYS B 215 -33.13 -0.96 -6.64
C LYS B 215 -33.54 -2.32 -6.09
N ILE B 216 -34.73 -1.98 -5.53
CA ILE B 216 -35.66 -2.83 -4.79
C ILE B 216 -35.08 -4.16 -4.32
#